data_6ZUN
#
_entry.id   6ZUN
#
_cell.length_a   69.730
_cell.length_b   71.040
_cell.length_c   71.790
_cell.angle_alpha   90.000
_cell.angle_beta   99.520
_cell.angle_gamma   90.000
#
_symmetry.space_group_name_H-M   'C 1 2 1'
#
loop_
_entity.id
_entity.type
_entity.pdbx_description
1 polymer Prothrombin
2 polymer Prothrombin
3 polymer Hirudin-2
4 non-polymer [2-[(3-chlorophenyl)methylamino]-7-methoxy-1,3-benzoxazol-5-yl]-[(3~{R},4~{R})-3-methyl-4-oxidanyl-piperidin-1-yl]methanone
5 non-polymer 2-acetamido-2-deoxy-beta-D-glucopyranose
6 water water
#
loop_
_entity_poly.entity_id
_entity_poly.type
_entity_poly.pdbx_seq_one_letter_code
_entity_poly.pdbx_strand_id
1 'polypeptide(L)' TFGSGEADCGLRPLFEKKSLEDKTERELLESYIDGR L
2 'polypeptide(L)'
;IVEGSDAEIGMSPWQVMLFRKSPQELLCGASLISDRWVLTAAHCLLYPPWDKNFTENDLLVRIGKHSRTRYERNIEKISM
LEKIYIHPRYNWRENLDRDIALMKLKKPVAFSDYIHPVCLPDRETAASLLQAGYKGRVTGWGNLKETWTANVGKGQPSVL
QVVNLPIVERPVCKDSTRIRITDNMFCAGYKPDEGKRGDACEGDSGGPFVMKSPFNNRWYQMGIVSWGEGCDRDGKYGFY
THVFRLKKWIQKVIDQFGE
;
H
3 'polypeptide(L)' GDFEEIPEE(TYS)L I
#
# COMPACT_ATOMS: atom_id res chain seq x y z
N ALA A 7 -6.22 11.95 15.05
CA ALA A 7 -6.83 13.27 14.75
C ALA A 7 -6.20 13.83 13.44
N ASP A 8 -4.89 13.68 13.34
CA ASP A 8 -4.09 14.42 12.35
C ASP A 8 -3.81 13.45 11.17
N CYS A 9 -4.61 12.36 11.06
CA CYS A 9 -4.33 11.31 10.03
C CYS A 9 -4.47 11.94 8.63
N GLY A 10 -3.60 11.55 7.72
CA GLY A 10 -3.77 11.84 6.30
C GLY A 10 -3.37 13.28 5.93
N LEU A 11 -2.79 14.03 6.89
CA LEU A 11 -2.25 15.36 6.62
C LEU A 11 -0.70 15.25 6.68
N ARG A 12 -0.08 15.45 5.55
CA ARG A 12 1.40 15.20 5.44
C ARG A 12 2.17 16.41 5.91
N PRO A 13 3.13 16.17 6.78
CA PRO A 13 3.90 17.32 7.31
C PRO A 13 4.54 18.23 6.25
N LEU A 14 5.03 17.68 5.15
CA LEU A 14 5.72 18.45 4.11
C LEU A 14 4.75 18.98 2.98
N PHE A 15 3.48 18.53 3.06
CA PHE A 15 2.48 19.00 2.09
C PHE A 15 1.32 19.77 2.75
N GLU A 16 0.27 19.05 3.21
CA GLU A 16 -0.95 19.66 3.69
C GLU A 16 -0.58 20.52 4.87
N LYS A 17 0.29 20.01 5.75
CA LYS A 17 0.58 20.80 7.04
C LYS A 17 1.10 22.19 6.71
N LYS A 18 1.75 22.31 5.55
CA LYS A 18 2.47 23.55 5.11
C LYS A 18 1.77 24.22 3.93
N SER A 19 0.59 23.73 3.64
CA SER A 19 -0.17 24.08 2.41
C SER A 19 0.66 24.14 1.11
N LEU A 20 1.50 23.10 0.94
CA LEU A 20 2.23 22.81 -0.27
C LEU A 20 1.55 21.59 -0.97
N GLU A 21 1.41 21.69 -2.29
CA GLU A 21 0.88 20.59 -3.08
C GLU A 21 1.99 19.80 -3.76
N ASP A 22 1.87 18.48 -3.85
CA ASP A 22 2.75 17.64 -4.62
C ASP A 22 2.44 17.75 -6.10
N LYS A 23 3.35 17.23 -6.91
CA LYS A 23 3.32 17.51 -8.32
C LYS A 23 2.10 16.90 -9.11
N THR A 24 1.45 15.87 -8.56
CA THR A 24 0.38 15.16 -9.30
C THR A 24 -0.93 15.02 -8.52
N GLU A 25 -1.02 15.49 -7.26
CA GLU A 25 -2.29 15.36 -6.56
C GLU A 25 -3.47 16.04 -7.29
N ARG A 26 -3.18 17.11 -8.05
CA ARG A 26 -4.25 17.74 -8.80
C ARG A 26 -4.88 16.79 -9.87
N GLU A 27 -4.08 15.84 -10.35
CA GLU A 27 -4.62 14.81 -11.24
C GLU A 27 -5.77 13.97 -10.56
N LEU A 28 -5.52 13.59 -9.30
CA LEU A 28 -6.52 12.97 -8.51
C LEU A 28 -7.79 13.84 -8.39
N LEU A 29 -7.58 15.06 -7.98
CA LEU A 29 -8.69 15.98 -7.70
C LEU A 29 -9.52 16.17 -8.98
N GLU A 30 -8.84 16.36 -10.10
CA GLU A 30 -9.58 16.52 -11.37
C GLU A 30 -10.43 15.32 -11.77
N SER A 31 -10.02 14.13 -11.36
CA SER A 31 -10.78 12.93 -11.64
C SER A 31 -12.08 12.87 -10.80
N TYR A 32 -12.21 13.63 -9.71
CA TYR A 32 -13.30 13.48 -8.73
C TYR A 32 -14.40 14.41 -9.20
N ILE A 33 -15.08 13.94 -10.27
CA ILE A 33 -15.94 14.77 -11.13
C ILE A 33 -17.35 14.89 -10.64
N ILE B 1 6.58 -0.80 -8.94
CA ILE B 1 5.63 0.00 -9.67
C ILE B 1 6.18 0.18 -11.09
N VAL B 2 5.33 -0.14 -12.05
CA VAL B 2 5.67 0.03 -13.49
C VAL B 2 5.09 1.30 -14.02
N GLU B 3 5.91 2.06 -14.76
CA GLU B 3 5.50 3.31 -15.45
C GLU B 3 5.04 4.39 -14.43
N GLY B 4 5.66 4.45 -13.24
CA GLY B 4 5.39 5.51 -12.34
C GLY B 4 6.53 6.49 -12.34
N SER B 5 6.71 7.21 -11.28
CA SER B 5 7.75 8.20 -11.25
C SER B 5 8.30 8.16 -9.79
N ASP B 6 9.44 8.79 -9.62
CA ASP B 6 10.05 8.87 -8.31
C ASP B 6 9.16 9.69 -7.42
N ALA B 7 8.91 9.19 -6.20
CA ALA B 7 8.16 9.98 -5.21
C ALA B 7 8.93 11.24 -4.86
N GLU B 8 8.18 12.24 -4.41
CA GLU B 8 8.78 13.43 -3.72
C GLU B 8 9.11 13.08 -2.30
N ILE B 9 10.04 13.84 -1.73
CA ILE B 9 10.33 13.67 -0.34
C ILE B 9 9.07 13.96 0.53
N GLY B 10 8.70 13.00 1.38
CA GLY B 10 7.66 13.14 2.37
C GLY B 10 6.29 13.00 1.66
N MET B 11 6.30 12.47 0.41
CA MET B 11 5.06 12.45 -0.34
C MET B 11 4.05 11.39 0.20
N SER B 12 4.64 10.33 0.71
CA SER B 12 3.90 9.14 1.23
C SER B 12 4.48 8.73 2.62
N PRO B 13 4.18 9.53 3.64
CA PRO B 13 4.80 9.35 4.96
C PRO B 13 4.28 8.16 5.79
N TRP B 14 3.20 7.55 5.33
CA TRP B 14 2.65 6.42 5.92
C TRP B 14 3.26 5.13 5.19
N GLN B 15 4.15 5.30 4.21
CA GLN B 15 4.70 4.18 3.52
C GLN B 15 5.55 3.35 4.43
N VAL B 16 5.36 2.03 4.35
CA VAL B 16 6.17 1.14 5.16
C VAL B 16 6.79 0.14 4.21
N MET B 17 8.04 -0.22 4.51
CA MET B 17 8.68 -1.38 3.88
C MET B 17 8.74 -2.51 4.86
N LEU B 18 8.26 -3.67 4.38
CA LEU B 18 8.43 -4.91 5.12
C LEU B 18 9.74 -5.48 4.63
N PHE B 19 10.64 -5.70 5.55
CA PHE B 19 12.02 -6.07 5.26
C PHE B 19 12.39 -7.42 5.88
N ARG B 20 12.79 -8.33 5.02
CA ARG B 20 13.13 -9.67 5.49
C ARG B 20 14.54 -9.61 6.08
N LYS B 21 14.72 -10.19 7.25
CA LYS B 21 16.04 -10.43 7.79
C LYS B 21 17.13 -11.39 7.06
N SER B 22 16.91 -12.68 6.55
CA SER B 22 18.09 -13.61 6.92
C SER B 22 16.98 -13.95 6.02
N PRO B 23 17.31 -13.68 4.71
CA PRO B 23 18.29 -12.84 3.98
C PRO B 23 17.59 -11.51 3.82
N GLN B 24 18.40 -10.44 3.88
CA GLN B 24 18.00 -9.10 3.77
C GLN B 24 17.46 -8.76 2.37
N GLU B 25 16.12 -8.45 2.30
CA GLU B 25 15.46 -8.29 1.06
C GLU B 25 14.08 -7.60 1.31
N LEU B 26 13.52 -7.05 0.22
CA LEU B 26 12.21 -6.47 0.29
C LEU B 26 11.16 -7.57 0.31
N LEU B 27 10.33 -7.55 1.37
CA LEU B 27 9.23 -8.53 1.46
C LEU B 27 7.97 -8.05 0.80
N CYS B 28 7.68 -6.74 0.93
CA CYS B 28 6.40 -6.24 0.65
C CYS B 28 6.30 -4.77 1.06
N GLY B 29 5.26 -4.15 0.56
CA GLY B 29 4.85 -2.93 1.14
C GLY B 29 3.86 -3.05 2.29
N ALA B 30 3.57 -1.90 2.87
CA ALA B 30 2.64 -1.78 3.95
C ALA B 30 2.39 -0.33 4.27
N SER B 31 1.57 -0.05 5.31
CA SER B 31 1.25 1.34 5.61
C SER B 31 1.07 1.57 7.08
N LEU B 32 1.34 2.80 7.49
CA LEU B 32 1.27 3.17 8.88
C LEU B 32 -0.10 3.78 9.15
N ILE B 33 -0.90 3.16 10.00
CA ILE B 33 -2.20 3.71 10.36
C ILE B 33 -2.35 4.30 11.79
N SER B 34 -1.33 4.11 12.63
CA SER B 34 -1.33 4.75 13.96
C SER B 34 0.18 4.68 14.40
N ASP B 35 0.51 5.07 15.65
CA ASP B 35 1.88 4.93 16.10
C ASP B 35 2.26 3.47 16.42
N ARG B 36 1.31 2.52 16.48
CA ARG B 36 1.68 1.07 16.70
C ARG B 36 1.13 0.07 15.74
N TRP B 37 0.32 0.48 14.78
CA TRP B 37 -0.29 -0.49 13.90
C TRP B 37 0.07 -0.20 12.40
N VAL B 38 0.43 -1.26 11.74
CA VAL B 38 0.77 -1.34 10.33
C VAL B 38 -0.13 -2.29 9.59
N LEU B 39 -0.52 -1.87 8.45
CA LEU B 39 -1.51 -2.60 7.60
C LEU B 39 -0.73 -3.14 6.40
N THR B 40 -1.05 -4.36 5.99
CA THR B 40 -0.45 -4.93 4.76
C THR B 40 -1.48 -5.99 4.12
N ALA B 41 -1.00 -6.67 3.08
CA ALA B 41 -1.76 -7.79 2.44
C ALA B 41 -1.38 -9.07 3.17
N ALA B 42 -2.36 -9.90 3.47
CA ALA B 42 -2.12 -11.18 4.16
C ALA B 42 -1.10 -12.00 3.40
N HIS B 43 -1.12 -11.98 2.06
CA HIS B 43 -0.34 -12.88 1.29
C HIS B 43 1.16 -12.46 1.35
N CYS B 44 1.45 -11.29 1.92
CA CYS B 44 2.87 -10.85 2.13
C CYS B 44 3.44 -11.66 3.30
N LEU B 45 2.56 -12.23 4.16
CA LEU B 45 2.95 -12.95 5.34
C LEU B 45 2.69 -14.41 5.24
N LEU B 46 1.53 -14.78 4.65
CA LEU B 46 1.07 -16.15 4.55
C LEU B 46 0.58 -16.44 3.15
N TYR B 47 1.28 -17.31 2.42
CA TYR B 47 0.88 -17.76 1.12
C TYR B 47 1.47 -19.13 0.85
N PRO B 48 0.79 -20.15 1.37
CA PRO B 48 1.27 -21.60 1.11
C PRO B 48 1.65 -21.99 -0.31
N PRO B 49 0.91 -21.59 -1.31
CA PRO B 49 1.38 -22.03 -2.65
C PRO B 49 2.78 -21.58 -3.07
N TRP B 50 3.33 -20.49 -2.47
CA TRP B 50 4.71 -20.05 -2.65
C TRP B 50 5.58 -20.32 -1.45
N ASP B 51 5.08 -21.18 -0.55
CA ASP B 51 5.71 -21.50 0.70
C ASP B 51 6.11 -20.26 1.51
N LYS B 52 5.25 -19.26 1.59
CA LYS B 52 5.47 -18.07 2.36
C LYS B 52 4.73 -18.29 3.67
N ASN B 53 5.43 -18.14 4.76
CA ASN B 53 4.88 -18.19 6.09
C ASN B 53 5.75 -17.47 7.12
N PHE B 54 5.70 -16.13 7.12
CA PHE B 54 6.60 -15.39 7.91
C PHE B 54 5.98 -15.23 9.33
N THR B 55 6.82 -15.25 10.34
CA THR B 55 6.45 -15.17 11.71
C THR B 55 7.01 -13.81 12.16
N GLU B 56 6.58 -13.26 13.29
CA GLU B 56 7.07 -11.96 13.75
C GLU B 56 8.52 -11.70 13.68
N ASN B 57 9.28 -12.68 14.13
CA ASN B 57 10.65 -12.55 14.23
C ASN B 57 11.39 -12.58 12.86
N ASP B 58 10.69 -12.91 11.74
CA ASP B 58 11.31 -13.00 10.43
C ASP B 58 11.57 -11.68 9.70
N LEU B 59 10.95 -10.57 10.19
CA LEU B 59 10.86 -9.35 9.47
C LEU B 59 11.06 -8.13 10.42
N LEU B 60 11.37 -7.05 9.75
CA LEU B 60 11.35 -5.72 10.29
C LEU B 60 10.38 -4.77 9.52
N VAL B 61 9.87 -3.77 10.21
CA VAL B 61 9.18 -2.66 9.62
C VAL B 61 10.13 -1.47 9.47
N ARG B 62 10.30 -0.95 8.24
CA ARG B 62 11.04 0.29 7.95
C ARG B 62 10.12 1.42 7.48
N ILE B 63 10.00 2.43 8.32
CA ILE B 63 9.12 3.59 8.15
C ILE B 63 9.97 4.83 7.91
N GLY B 64 9.48 5.70 7.08
CA GLY B 64 10.15 6.97 6.79
C GLY B 64 11.01 6.97 5.58
N LYS B 65 10.94 5.87 4.80
CA LYS B 65 11.96 5.59 3.82
C LYS B 65 11.68 6.27 2.50
N HIS B 66 12.78 6.52 1.77
CA HIS B 66 12.71 6.95 0.39
C HIS B 66 13.57 6.10 -0.55
N SER B 67 14.89 6.12 -0.32
CA SER B 67 15.73 5.12 -1.01
C SER B 67 15.34 3.70 -0.68
N ARG B 68 15.32 2.82 -1.66
CA ARG B 68 14.99 1.37 -1.51
C ARG B 68 16.04 0.67 -0.67
N THR B 69 17.32 0.95 -0.95
CA THR B 69 18.43 0.11 -0.43
C THR B 69 19.24 0.66 0.68
N ARG B 70 19.36 1.98 0.78
CA ARG B 70 20.23 2.67 1.73
C ARG B 70 19.60 2.55 3.12
N TYR B 71 20.42 2.51 4.15
CA TYR B 71 19.95 2.81 5.47
C TYR B 71 19.99 4.35 5.64
N GLU B 72 18.79 4.92 5.75
CA GLU B 72 18.49 6.30 5.83
C GLU B 72 18.57 6.83 7.23
N ARG B 73 19.86 7.00 7.63
CA ARG B 73 20.16 7.32 8.95
C ARG B 73 19.53 8.67 9.27
N ASN B 74 18.97 8.77 10.43
CA ASN B 74 18.36 9.99 10.99
C ASN B 74 16.99 10.37 10.33
N ILE B 75 16.55 9.52 9.40
CA ILE B 75 15.28 9.67 8.68
C ILE B 75 14.38 8.46 8.96
N GLU B 76 14.85 7.28 8.60
CA GLU B 76 14.03 6.15 8.69
C GLU B 76 14.03 5.76 10.13
N LYS B 77 12.99 4.99 10.44
CA LYS B 77 12.86 4.27 11.68
C LYS B 77 12.53 2.89 11.47
N ILE B 78 13.17 2.02 12.30
CA ILE B 78 13.06 0.56 12.10
C ILE B 78 12.41 -0.08 13.30
N SER B 79 11.34 -0.80 13.13
CA SER B 79 10.50 -1.35 14.20
C SER B 79 10.37 -2.86 14.13
N MET B 80 10.35 -3.46 15.34
CA MET B 80 10.12 -4.83 15.48
C MET B 80 8.64 -5.15 15.70
N LEU B 81 8.26 -6.31 15.25
CA LEU B 81 6.93 -6.78 15.40
C LEU B 81 6.57 -7.49 16.69
N GLU B 82 5.48 -7.07 17.31
CA GLU B 82 4.84 -7.73 18.45
C GLU B 82 4.02 -8.86 18.06
N LYS B 83 3.10 -8.62 17.10
CA LYS B 83 2.20 -9.63 16.71
C LYS B 83 1.56 -9.34 15.32
N ILE B 84 1.32 -10.42 14.55
CA ILE B 84 0.69 -10.46 13.26
C ILE B 84 -0.72 -10.92 13.40
N TYR B 85 -1.69 -10.26 12.75
CA TYR B 85 -3.06 -10.75 12.71
C TYR B 85 -3.47 -10.82 11.27
N ILE B 86 -3.82 -12.01 10.82
CA ILE B 86 -4.29 -12.28 9.49
C ILE B 86 -5.82 -12.37 9.49
N HIS B 87 -6.50 -11.80 8.49
CA HIS B 87 -8.00 -11.98 8.43
C HIS B 87 -8.33 -13.51 8.52
N PRO B 88 -9.24 -13.88 9.46
CA PRO B 88 -9.64 -15.32 9.56
C PRO B 88 -10.35 -15.92 8.32
N ARG B 89 -10.89 -15.09 7.42
CA ARG B 89 -11.49 -15.59 6.19
C ARG B 89 -10.71 -15.12 4.98
N TYR B 90 -9.42 -14.82 5.18
CA TYR B 90 -8.52 -14.71 4.05
C TYR B 90 -8.52 -15.97 3.17
N ASN B 91 -8.69 -15.77 1.89
CA ASN B 91 -8.93 -16.85 0.91
C ASN B 91 -7.70 -16.93 -0.03
N TRP B 92 -6.64 -17.55 0.44
CA TRP B 92 -5.50 -17.75 -0.35
C TRP B 92 -5.65 -18.84 -1.38
N ARG B 93 -6.58 -19.76 -1.13
CA ARG B 93 -6.72 -20.90 -2.02
C ARG B 93 -7.29 -20.52 -3.32
N GLU B 94 -8.20 -19.58 -3.36
CA GLU B 94 -8.90 -19.28 -4.61
C GLU B 94 -8.52 -17.99 -5.29
N ASN B 95 -8.69 -16.87 -4.58
CA ASN B 95 -8.70 -15.57 -5.26
C ASN B 95 -8.13 -14.38 -4.43
N LEU B 96 -7.57 -14.68 -3.25
CA LEU B 96 -6.98 -13.71 -2.35
C LEU B 96 -8.10 -12.76 -1.86
N ASP B 97 -9.30 -13.31 -1.76
CA ASP B 97 -10.31 -12.62 -0.97
C ASP B 97 -9.87 -12.31 0.43
N ARG B 98 -10.13 -11.09 0.83
CA ARG B 98 -9.80 -10.60 2.22
C ARG B 98 -8.31 -10.64 2.44
N ASP B 99 -7.61 -10.12 1.47
CA ASP B 99 -6.12 -10.09 1.45
C ASP B 99 -5.66 -8.98 2.35
N ILE B 100 -5.66 -9.25 3.66
CA ILE B 100 -5.47 -8.18 4.62
C ILE B 100 -4.87 -8.72 5.97
N ALA B 101 -3.87 -8.00 6.44
CA ALA B 101 -3.22 -8.30 7.68
C ALA B 101 -2.82 -7.08 8.45
N LEU B 102 -2.78 -7.21 9.78
CA LEU B 102 -2.34 -6.12 10.61
C LEU B 102 -1.13 -6.62 11.45
N MET B 103 -0.28 -5.68 11.82
CA MET B 103 0.94 -5.98 12.52
C MET B 103 0.98 -4.92 13.61
N LYS B 104 1.04 -5.39 14.86
CA LYS B 104 1.36 -4.52 16.02
C LYS B 104 2.85 -4.42 16.27
N LEU B 105 3.34 -3.20 16.36
CA LEU B 105 4.76 -2.91 16.65
C LEU B 105 5.01 -3.04 18.17
N LYS B 106 6.21 -3.54 18.50
CA LYS B 106 6.69 -3.64 19.88
C LYS B 106 6.69 -2.32 20.61
N LYS B 107 7.07 -1.22 19.99
CA LYS B 107 7.13 0.15 20.59
C LYS B 107 6.42 1.13 19.61
N PRO B 108 5.79 2.19 20.14
CA PRO B 108 5.28 3.18 19.21
C PRO B 108 6.43 3.80 18.42
N VAL B 109 6.13 4.17 17.16
CA VAL B 109 7.04 4.98 16.39
C VAL B 109 6.74 6.47 16.59
N ALA B 110 7.77 7.28 16.64
CA ALA B 110 7.61 8.72 16.70
C ALA B 110 7.29 9.28 15.31
N PHE B 111 6.35 10.22 15.29
CA PHE B 111 6.02 10.84 13.99
C PHE B 111 7.07 11.86 13.69
N SER B 112 7.24 12.18 12.41
CA SER B 112 8.19 13.16 11.95
C SER B 112 7.70 13.73 10.63
N ASP B 113 8.55 14.49 9.96
CA ASP B 113 8.24 14.96 8.66
C ASP B 113 8.07 13.88 7.64
N TYR B 114 8.68 12.69 7.90
CA TYR B 114 8.81 11.57 6.97
C TYR B 114 7.91 10.40 7.35
N ILE B 115 7.30 10.47 8.54
CA ILE B 115 6.67 9.35 9.21
C ILE B 115 5.36 9.87 9.81
N HIS B 116 4.21 9.40 9.26
CA HIS B 116 2.96 10.06 9.60
C HIS B 116 1.76 9.13 9.09
N PRO B 117 0.74 8.93 9.91
CA PRO B 117 -0.21 7.88 9.51
C PRO B 117 -1.24 8.39 8.51
N VAL B 118 -1.76 7.43 7.75
CA VAL B 118 -2.79 7.73 6.78
C VAL B 118 -4.15 7.43 7.47
N CYS B 119 -5.24 8.07 6.99
CA CYS B 119 -6.59 7.76 7.45
C CYS B 119 -7.19 6.54 6.84
N LEU B 120 -8.08 5.85 7.62
CA LEU B 120 -8.89 4.83 7.05
C LEU B 120 -10.28 5.37 6.81
N PRO B 121 -10.85 4.99 5.65
CA PRO B 121 -12.15 5.53 5.24
C PRO B 121 -13.27 5.07 6.16
N ASP B 122 -14.28 5.89 6.35
CA ASP B 122 -15.52 5.40 6.87
C ASP B 122 -16.50 5.14 5.71
N ARG B 123 -17.69 4.69 6.04
CA ARG B 123 -18.61 4.34 4.98
C ARG B 123 -18.81 5.45 3.88
N GLU B 124 -18.90 6.66 4.39
CA GLU B 124 -19.25 7.84 3.58
C GLU B 124 -18.12 8.22 2.64
N THR B 125 -16.93 8.14 3.18
CA THR B 125 -15.72 8.28 2.33
C THR B 125 -15.68 7.34 1.24
N ALA B 126 -15.92 6.07 1.53
CA ALA B 126 -15.91 5.08 0.50
C ALA B 126 -17.02 5.33 -0.57
N ALA B 127 -18.19 5.62 -0.13
CA ALA B 127 -19.29 5.81 -1.11
C ALA B 127 -18.98 7.04 -2.00
N SER B 128 -18.42 8.11 -1.42
CA SER B 128 -18.08 9.28 -2.18
C SER B 128 -16.94 9.09 -3.16
N LEU B 129 -15.92 8.34 -2.76
CA LEU B 129 -14.67 8.28 -3.56
C LEU B 129 -14.41 7.00 -4.38
N LEU B 130 -15.09 5.91 -4.02
CA LEU B 130 -14.79 4.66 -4.69
C LEU B 130 -15.71 4.54 -5.83
N GLN B 131 -15.36 5.24 -6.93
CA GLN B 131 -16.25 5.36 -8.04
C GLN B 131 -15.40 5.18 -9.28
N ALA B 132 -15.92 4.48 -10.30
CA ALA B 132 -15.24 4.31 -11.61
C ALA B 132 -14.82 5.59 -12.14
N GLY B 133 -13.54 5.69 -12.56
CA GLY B 133 -13.01 6.91 -13.07
C GLY B 133 -12.21 7.78 -12.10
N TYR B 134 -12.58 7.70 -10.83
CA TYR B 134 -11.84 8.44 -9.80
C TYR B 134 -10.49 7.77 -9.65
N LYS B 135 -9.41 8.57 -9.56
CA LYS B 135 -8.05 8.08 -9.41
C LYS B 135 -7.56 8.04 -7.98
N GLY B 136 -6.75 7.00 -7.70
CA GLY B 136 -6.04 6.98 -6.47
C GLY B 136 -4.63 6.79 -6.81
N ARG B 137 -3.83 6.61 -5.77
CA ARG B 137 -2.41 6.65 -5.93
C ARG B 137 -1.78 5.38 -5.33
N VAL B 138 -0.91 4.74 -6.04
CA VAL B 138 -0.19 3.52 -5.53
C VAL B 138 1.35 3.80 -5.39
N THR B 139 1.92 3.36 -4.29
CA THR B 139 3.36 3.65 -4.10
C THR B 139 4.03 2.31 -3.64
N GLY B 140 5.32 2.15 -3.93
CA GLY B 140 6.03 0.99 -3.55
C GLY B 140 7.48 0.95 -4.13
N TRP B 141 8.28 0.04 -3.60
CA TRP B 141 9.65 -0.22 -4.07
C TRP B 141 9.75 -1.44 -4.95
N GLY B 142 8.60 -1.89 -5.41
CA GLY B 142 8.61 -3.03 -6.30
C GLY B 142 9.20 -2.93 -7.66
N ASN B 143 9.11 -4.07 -8.38
CA ASN B 143 9.68 -4.14 -9.71
C ASN B 143 9.16 -3.04 -10.65
N LEU B 144 10.15 -2.51 -11.44
CA LEU B 144 9.92 -1.51 -12.49
C LEU B 144 9.40 -2.14 -13.73
N LYS B 145 9.61 -3.43 -13.89
CA LYS B 145 8.84 -4.15 -14.98
C LYS B 145 8.57 -5.57 -14.60
N GLU B 146 7.71 -6.19 -15.37
CA GLU B 146 7.28 -7.55 -15.09
C GLU B 146 8.46 -8.56 -15.13
N THR B 147 9.36 -8.37 -16.09
CA THR B 147 10.38 -9.45 -16.30
C THR B 147 11.67 -8.77 -16.62
N GLY B 155 15.27 -2.50 -13.85
CA GLY B 155 14.65 -3.65 -13.05
C GLY B 155 13.96 -3.27 -11.69
N GLN B 156 14.78 -2.77 -10.76
CA GLN B 156 14.34 -2.31 -9.43
C GLN B 156 14.80 -0.85 -9.23
N PRO B 157 13.99 -0.03 -8.49
CA PRO B 157 14.17 1.44 -8.41
C PRO B 157 15.15 1.82 -7.33
N SER B 158 15.77 2.97 -7.52
CA SER B 158 16.65 3.51 -6.46
C SER B 158 15.77 4.07 -5.27
N VAL B 159 14.65 4.73 -5.63
CA VAL B 159 13.81 5.38 -4.68
C VAL B 159 12.24 4.97 -4.88
N LEU B 160 11.50 5.18 -3.84
CA LEU B 160 10.03 4.92 -3.80
C LEU B 160 9.38 5.42 -5.10
N GLN B 161 8.48 4.61 -5.67
CA GLN B 161 7.85 4.90 -6.93
C GLN B 161 6.32 5.18 -6.69
N VAL B 162 5.79 6.11 -7.43
CA VAL B 162 4.36 6.49 -7.33
C VAL B 162 3.73 6.43 -8.70
N VAL B 163 2.47 5.99 -8.71
CA VAL B 163 1.67 6.04 -9.89
C VAL B 163 0.21 6.36 -9.51
N ASN B 164 -0.45 7.18 -10.33
CA ASN B 164 -1.88 7.46 -10.07
C ASN B 164 -2.68 6.70 -11.07
N LEU B 165 -3.78 6.01 -10.62
CA LEU B 165 -4.50 5.08 -11.52
C LEU B 165 -5.98 5.17 -11.23
N PRO B 166 -6.85 5.18 -12.28
CA PRO B 166 -8.27 5.22 -12.14
C PRO B 166 -8.90 3.92 -11.70
N ILE B 167 -9.87 4.07 -10.84
CA ILE B 167 -10.77 2.95 -10.42
C ILE B 167 -11.57 2.51 -11.68
N VAL B 168 -11.72 1.23 -11.86
CA VAL B 168 -12.32 0.70 -13.10
C VAL B 168 -13.69 0.10 -12.73
N GLU B 169 -14.61 0.16 -13.65
CA GLU B 169 -15.93 -0.46 -13.48
C GLU B 169 -15.82 -1.99 -13.14
N ARG B 170 -16.65 -2.46 -12.17
CA ARG B 170 -16.69 -3.85 -11.69
C ARG B 170 -16.85 -4.89 -12.86
N PRO B 171 -17.80 -4.63 -13.75
CA PRO B 171 -17.91 -5.58 -14.89
C PRO B 171 -16.61 -5.66 -15.69
N VAL B 172 -15.90 -4.54 -15.92
CA VAL B 172 -14.69 -4.57 -16.69
C VAL B 172 -13.58 -5.38 -15.91
N CYS B 173 -13.46 -5.05 -14.60
CA CYS B 173 -12.61 -5.81 -13.71
C CYS B 173 -12.84 -7.35 -13.89
N LYS B 174 -14.09 -7.76 -13.70
CA LYS B 174 -14.49 -9.14 -13.77
C LYS B 174 -14.11 -9.78 -15.17
N ASP B 175 -14.42 -9.07 -16.27
CA ASP B 175 -14.17 -9.54 -17.64
C ASP B 175 -12.67 -9.53 -18.02
N SER B 176 -11.76 -8.98 -17.14
CA SER B 176 -10.34 -8.99 -17.42
C SER B 176 -9.66 -10.27 -16.98
N THR B 177 -10.38 -11.17 -16.33
CA THR B 177 -9.75 -12.32 -15.64
C THR B 177 -10.77 -13.46 -15.54
N ARG B 178 -10.23 -14.65 -15.38
CA ARG B 178 -10.92 -15.84 -15.06
C ARG B 178 -11.10 -16.05 -13.52
N ILE B 179 -10.40 -15.27 -12.70
CA ILE B 179 -10.59 -15.39 -11.26
C ILE B 179 -11.87 -14.75 -10.83
N ARG B 180 -12.50 -15.35 -9.80
CA ARG B 180 -13.73 -14.76 -9.22
C ARG B 180 -13.46 -13.53 -8.40
N ILE B 181 -13.99 -12.38 -8.85
CA ILE B 181 -13.76 -11.08 -8.15
C ILE B 181 -14.81 -10.83 -7.13
N THR B 182 -14.48 -10.58 -5.85
CA THR B 182 -15.49 -10.40 -4.85
C THR B 182 -15.74 -8.89 -4.62
N ASP B 183 -16.70 -8.68 -3.77
CA ASP B 183 -17.07 -7.36 -3.31
C ASP B 183 -16.00 -6.75 -2.36
N ASN B 184 -15.10 -7.56 -1.83
CA ASN B 184 -13.99 -7.09 -0.93
C ASN B 184 -12.83 -6.68 -1.79
N MET B 185 -13.02 -6.65 -3.13
CA MET B 185 -11.90 -6.20 -4.04
C MET B 185 -12.45 -5.15 -4.93
N PHE B 186 -11.53 -4.32 -5.43
CA PHE B 186 -11.80 -3.43 -6.54
C PHE B 186 -10.60 -3.46 -7.45
N CYS B 187 -10.72 -3.06 -8.74
CA CYS B 187 -9.58 -2.95 -9.54
C CYS B 187 -9.34 -1.55 -10.06
N ALA B 188 -8.14 -1.31 -10.52
CA ALA B 188 -7.75 0.01 -11.03
C ALA B 188 -6.70 -0.15 -12.08
N GLY B 189 -6.60 0.86 -12.93
CA GLY B 189 -5.68 0.89 -14.00
C GLY B 189 -6.32 1.50 -15.30
N TYR B 190 -5.47 1.88 -16.24
CA TYR B 190 -5.93 2.44 -17.49
C TYR B 190 -6.27 1.23 -18.42
N LYS B 191 -7.18 1.54 -19.33
CA LYS B 191 -7.55 0.64 -20.39
C LYS B 191 -6.59 0.78 -21.52
N PRO B 192 -6.66 -0.18 -22.45
CA PRO B 192 -5.86 -0.09 -23.65
C PRO B 192 -6.12 1.12 -24.49
N ASP B 193 -7.34 1.59 -24.62
CA ASP B 193 -7.51 2.77 -25.53
C ASP B 193 -7.12 4.09 -24.86
N GLU B 194 -6.80 4.07 -23.57
CA GLU B 194 -6.61 5.30 -22.78
C GLU B 194 -5.23 5.95 -22.97
N GLY B 195 -4.23 5.19 -23.44
CA GLY B 195 -2.96 5.86 -23.78
C GLY B 195 -2.12 6.45 -22.63
N LYS B 196 -2.36 5.93 -21.43
CA LYS B 196 -1.51 6.06 -20.25
C LYS B 196 -1.41 4.67 -19.64
N ARG B 197 -0.34 4.49 -18.90
CA ARG B 197 0.01 3.18 -18.43
C ARG B 197 0.19 3.27 -16.90
N GLY B 198 0.62 2.16 -16.34
CA GLY B 198 1.01 2.10 -14.94
C GLY B 198 0.35 0.95 -14.18
N ASP B 199 1.10 0.40 -13.22
CA ASP B 199 0.57 -0.69 -12.42
C ASP B 199 1.51 -0.85 -11.27
N ALA B 200 1.10 -1.68 -10.31
CA ALA B 200 1.95 -2.20 -9.34
C ALA B 200 2.68 -3.40 -9.94
N CYS B 201 3.68 -3.86 -9.20
CA CYS B 201 4.38 -5.11 -9.55
C CYS B 201 5.01 -5.82 -8.34
N GLU B 202 5.67 -6.98 -8.64
CA GLU B 202 6.30 -7.76 -7.59
C GLU B 202 7.08 -6.87 -6.57
N GLY B 203 6.77 -7.03 -5.32
CA GLY B 203 7.34 -6.28 -4.26
C GLY B 203 6.38 -5.15 -3.77
N ASP B 204 5.35 -4.76 -4.56
CA ASP B 204 4.44 -3.63 -4.17
C ASP B 204 3.23 -4.10 -3.33
N SER B 205 3.03 -5.41 -3.28
CA SER B 205 1.80 -6.00 -2.57
C SER B 205 1.87 -5.56 -1.14
N GLY B 206 0.70 -5.31 -0.51
CA GLY B 206 0.74 -4.80 0.83
C GLY B 206 0.74 -3.32 0.99
N GLY B 207 1.26 -2.62 -0.04
CA GLY B 207 1.30 -1.18 0.01
C GLY B 207 -0.09 -0.57 -0.15
N PRO B 208 -0.14 0.79 -0.02
CA PRO B 208 -1.43 1.47 -0.07
C PRO B 208 -1.83 2.05 -1.47
N PHE B 209 -3.15 1.91 -1.69
CA PHE B 209 -3.88 2.71 -2.78
C PHE B 209 -4.60 3.80 -1.99
N VAL B 210 -4.16 5.04 -2.16
CA VAL B 210 -4.72 6.18 -1.39
C VAL B 210 -5.47 7.15 -2.32
N MET B 211 -6.40 7.88 -1.72
CA MET B 211 -7.12 8.96 -2.39
C MET B 211 -7.21 10.18 -1.42
N LYS B 212 -7.14 11.39 -2.02
CA LYS B 212 -7.19 12.57 -1.24
C LYS B 212 -8.60 13.14 -1.24
N SER B 213 -9.22 13.18 -0.05
CA SER B 213 -10.60 13.55 -0.02
C SER B 213 -10.68 15.03 -0.45
N PRO B 214 -11.60 15.32 -1.38
CA PRO B 214 -11.74 16.79 -1.70
C PRO B 214 -12.65 17.55 -0.69
N PHE B 215 -13.29 16.77 0.23
CA PHE B 215 -14.14 17.30 1.29
C PHE B 215 -13.34 17.90 2.44
N ASN B 216 -12.30 17.18 2.84
CA ASN B 216 -11.51 17.60 4.02
C ASN B 216 -9.99 17.62 3.79
N ASN B 217 -9.56 17.33 2.57
CA ASN B 217 -8.18 17.40 2.17
C ASN B 217 -7.20 16.49 2.90
N ARG B 218 -7.73 15.35 3.36
CA ARG B 218 -6.98 14.28 4.00
C ARG B 218 -6.84 13.10 3.02
N TRP B 219 -5.74 12.45 3.16
CA TRP B 219 -5.46 11.21 2.45
C TRP B 219 -6.04 10.00 3.25
N TYR B 220 -6.84 9.19 2.52
CA TYR B 220 -7.45 7.94 2.98
C TYR B 220 -6.90 6.78 2.24
N GLN B 221 -6.63 5.70 2.99
CA GLN B 221 -6.19 4.49 2.29
C GLN B 221 -7.44 3.66 1.89
N MET B 222 -7.79 3.69 0.59
CA MET B 222 -9.03 3.04 0.15
C MET B 222 -8.70 1.52 -0.17
N GLY B 223 -7.42 1.27 -0.52
CA GLY B 223 -7.08 -0.10 -0.98
C GLY B 223 -5.74 -0.59 -0.48
N ILE B 224 -5.57 -1.90 -0.58
CA ILE B 224 -4.29 -2.52 -0.38
C ILE B 224 -3.90 -3.25 -1.67
N VAL B 225 -2.68 -2.98 -2.10
CA VAL B 225 -2.15 -3.58 -3.30
C VAL B 225 -2.17 -5.11 -3.08
N SER B 226 -2.95 -5.82 -3.94
CA SER B 226 -3.13 -7.26 -3.82
C SER B 226 -2.48 -8.07 -4.95
N TRP B 227 -3.06 -8.08 -6.12
CA TRP B 227 -2.50 -8.99 -7.16
C TRP B 227 -2.89 -8.44 -8.52
N GLY B 228 -2.05 -8.77 -9.53
CA GLY B 228 -2.46 -8.71 -10.88
C GLY B 228 -1.92 -9.85 -11.72
N GLU B 229 -2.36 -9.94 -12.97
CA GLU B 229 -1.86 -11.04 -13.86
C GLU B 229 -0.73 -10.46 -14.67
N GLY B 230 0.47 -10.61 -14.15
CA GLY B 230 1.58 -9.87 -14.64
C GLY B 230 1.62 -8.48 -14.02
N CYS B 231 2.26 -7.55 -14.72
CA CYS B 231 2.34 -6.13 -14.37
C CYS B 231 2.18 -5.28 -15.63
N ASP B 232 1.21 -4.34 -15.59
CA ASP B 232 0.99 -3.34 -16.57
C ASP B 232 0.74 -3.94 -17.92
N ARG B 233 0.03 -5.05 -17.93
CA ARG B 233 -0.39 -5.70 -19.21
C ARG B 233 -1.64 -5.07 -19.73
N ASP B 234 -1.61 -4.79 -21.06
CA ASP B 234 -2.79 -4.35 -21.72
C ASP B 234 -3.94 -5.31 -21.45
N GLY B 235 -5.09 -4.76 -21.09
CA GLY B 235 -6.28 -5.50 -20.82
C GLY B 235 -6.38 -6.13 -19.44
N LYS B 236 -5.32 -6.02 -18.63
CA LYS B 236 -5.36 -6.51 -17.23
C LYS B 236 -5.34 -5.27 -16.32
N TYR B 237 -5.71 -5.47 -15.10
CA TYR B 237 -5.78 -4.42 -14.06
C TYR B 237 -5.15 -4.98 -12.76
N GLY B 238 -4.88 -4.11 -11.85
CA GLY B 238 -4.57 -4.43 -10.49
C GLY B 238 -5.80 -4.59 -9.65
N PHE B 239 -5.70 -5.63 -8.76
CA PHE B 239 -6.68 -5.90 -7.78
C PHE B 239 -6.20 -5.47 -6.38
N TYR B 240 -7.12 -4.77 -5.71
CA TYR B 240 -6.88 -4.11 -4.44
C TYR B 240 -7.91 -4.63 -3.43
N THR B 241 -7.40 -4.78 -2.26
CA THR B 241 -8.28 -5.09 -1.13
C THR B 241 -9.10 -3.82 -0.73
N HIS B 242 -10.44 -4.00 -0.57
CA HIS B 242 -11.36 -2.92 -0.31
C HIS B 242 -11.32 -2.64 1.24
N VAL B 243 -10.58 -1.60 1.61
CA VAL B 243 -10.32 -1.37 3.03
C VAL B 243 -11.59 -1.13 3.81
N PHE B 244 -12.48 -0.25 3.29
CA PHE B 244 -13.70 0.02 4.01
C PHE B 244 -14.55 -1.29 4.29
N ARG B 245 -14.63 -2.15 3.30
CA ARG B 245 -15.44 -3.44 3.48
C ARG B 245 -14.86 -4.33 4.58
N LEU B 246 -13.54 -4.23 4.90
CA LEU B 246 -12.88 -5.00 5.95
C LEU B 246 -12.67 -4.21 7.23
N LYS B 247 -13.29 -3.02 7.35
CA LYS B 247 -12.92 -2.13 8.47
C LYS B 247 -13.48 -2.61 9.85
N LYS B 248 -14.61 -3.34 9.87
CA LYS B 248 -15.10 -3.99 11.08
C LYS B 248 -14.04 -4.92 11.63
N TRP B 249 -13.38 -5.70 10.76
CA TRP B 249 -12.30 -6.59 11.22
C TRP B 249 -11.17 -5.80 11.79
N ILE B 250 -10.76 -4.75 11.04
CA ILE B 250 -9.65 -3.93 11.49
C ILE B 250 -9.86 -3.33 12.93
N GLN B 251 -11.03 -2.73 13.06
CA GLN B 251 -11.53 -2.08 14.29
C GLN B 251 -11.65 -3.10 15.44
N LYS B 252 -12.21 -4.31 15.18
CA LYS B 252 -12.17 -5.39 16.13
C LYS B 252 -10.77 -5.70 16.58
N VAL B 253 -9.83 -5.81 15.63
CA VAL B 253 -8.44 -6.25 16.05
C VAL B 253 -7.76 -5.19 16.93
N ILE B 254 -7.81 -3.94 16.46
CA ILE B 254 -7.22 -2.89 17.21
C ILE B 254 -8.01 -2.71 18.55
N ASP B 255 -9.33 -2.80 18.59
CA ASP B 255 -10.01 -2.54 19.91
C ASP B 255 -9.70 -3.71 20.93
N GLN B 256 -9.55 -4.96 20.42
CA GLN B 256 -9.30 -6.15 21.21
C GLN B 256 -7.88 -6.18 21.72
N PHE B 257 -6.93 -5.73 20.91
CA PHE B 257 -5.49 -6.03 21.15
C PHE B 257 -4.65 -4.76 21.36
N GLY C 1 23.97 -9.16 -1.20
CA GLY C 1 23.11 -8.20 -0.43
C GLY C 1 23.12 -6.82 -1.05
N ASP C 2 22.02 -6.48 -1.71
CA ASP C 2 21.90 -5.19 -2.38
C ASP C 2 21.65 -4.11 -1.38
N PHE C 3 21.00 -4.50 -0.30
CA PHE C 3 20.59 -3.55 0.70
C PHE C 3 21.77 -3.23 1.59
N GLU C 4 21.85 -1.97 2.03
CA GLU C 4 22.85 -1.52 2.98
C GLU C 4 22.56 -2.10 4.36
N GLU C 5 23.62 -2.28 5.13
CA GLU C 5 23.54 -2.93 6.43
C GLU C 5 22.70 -2.12 7.39
N ILE C 6 21.89 -2.83 8.16
CA ILE C 6 21.04 -2.24 9.16
C ILE C 6 21.85 -2.30 10.44
N PRO C 7 21.81 -1.25 11.26
CA PRO C 7 22.41 -1.33 12.58
C PRO C 7 22.03 -2.59 13.35
N GLU C 8 23.04 -3.21 13.98
CA GLU C 8 22.90 -4.49 14.67
C GLU C 8 21.77 -4.51 15.70
N GLU C 9 21.55 -3.38 16.36
CA GLU C 9 20.50 -3.25 17.38
C GLU C 9 19.09 -3.60 16.90
N LEU C 11 18.62 -5.86 14.19
CA LEU C 11 18.71 -7.27 13.83
C LEU C 11 18.85 -8.16 15.06
#